data_9DGE
#
_entry.id   9DGE
#
_cell.length_a   103.992
_cell.length_b   103.992
_cell.length_c   82.536
_cell.angle_alpha   90.000
_cell.angle_beta   90.000
_cell.angle_gamma   120.000
#
_symmetry.space_group_name_H-M   'P 32 2 1'
#
loop_
_entity.id
_entity.type
_entity.pdbx_description
1 polymer 'Tetrahydroprotoberberine N-methyltransferase'
2 non-polymer S-ADENOSYLMETHIONINE
3 non-polymer Dextromethorphan
4 non-polymer 'SULFATE ION'
5 water water
#
_entity_poly.entity_id   1
_entity_poly.type   'polypeptide(L)'
_entity_poly.pdbx_seq_one_letter_code
;MGSSHHHHHHGTGSYITSLYKKAGWMGSNEAQVKKESIGEIMGKLMQGEIGDEELSKRIKEIFGKRLQWGYKPTHQQQLA
FNLDFIKSLKEMDMSGEIDTMNEETYELPSAFLEAAFGKTIKQSGCYFKDETTTIDEAEEASHELYCERAQIKDGQTVLD
IGCGQGGLVLHIAQKYKNCHVTGLTNSKAQKNYILMQAEKLQLSNVDVILADVTKHESDKTYDRILVIETIEHMKNIQLF
MKKLSTWMTEDSLLFVDHICHKTFSHHFEAIDEDDWYSGFIFPKGCVTILSASALLYFQDDVTILDHWVVNGMHMARSVD
AWRKKLDKNMELAREILLPGLGSKEAVNGVITHIRTFCMGGYEQFSYNNGEEWMVAQMLFKKK
;
_entity_poly.pdbx_strand_id   A
#
loop_
_chem_comp.id
_chem_comp.type
_chem_comp.name
_chem_comp.formula
4NQ non-polymer Dextromethorphan 'C18 H25 N O'
SAM non-polymer S-ADENOSYLMETHIONINE 'C15 H22 N6 O5 S'
SO4 non-polymer 'SULFATE ION' 'O4 S -2'
#
# COMPACT_ATOMS: atom_id res chain seq x y z
N GLU A 36 8.29 14.93 -25.38
CA GLU A 36 7.37 15.64 -26.31
C GLU A 36 6.15 16.13 -25.52
N SER A 37 5.04 16.33 -26.23
CA SER A 37 3.77 16.70 -25.62
C SER A 37 3.25 15.54 -24.77
N ILE A 38 2.61 15.86 -23.65
CA ILE A 38 2.03 14.87 -22.75
C ILE A 38 0.97 14.07 -23.50
N GLY A 39 0.09 14.78 -24.22
CA GLY A 39 -0.96 14.16 -25.03
C GLY A 39 -0.38 13.23 -26.08
N GLU A 40 0.79 13.59 -26.59
CA GLU A 40 1.50 12.81 -27.60
C GLU A 40 2.04 11.53 -26.98
N ILE A 41 2.71 11.67 -25.83
CA ILE A 41 3.30 10.53 -25.13
C ILE A 41 2.18 9.59 -24.67
N MET A 42 1.09 10.17 -24.18
CA MET A 42 -0.04 9.40 -23.71
C MET A 42 -0.65 8.59 -24.86
N GLY A 43 -0.68 9.21 -26.05
CA GLY A 43 -1.20 8.58 -27.25
C GLY A 43 -0.39 7.35 -27.65
N LYS A 44 0.93 7.51 -27.69
CA LYS A 44 1.83 6.43 -28.07
C LYS A 44 1.78 5.30 -27.04
N LEU A 45 1.64 5.68 -25.76
CA LEU A 45 1.61 4.72 -24.67
C LEU A 45 0.40 3.80 -24.83
N MET A 46 -0.77 4.40 -25.09
CA MET A 46 -2.03 3.68 -25.16
C MET A 46 -2.03 2.74 -26.37
N GLN A 47 -1.33 3.14 -27.45
CA GLN A 47 -1.25 2.35 -28.66
C GLN A 47 -0.19 1.26 -28.52
N GLY A 48 0.55 1.27 -27.41
CA GLY A 48 1.59 0.30 -27.15
C GLY A 48 2.79 0.49 -28.07
N GLU A 49 3.09 1.75 -28.39
CA GLU A 49 4.14 2.11 -29.33
C GLU A 49 5.41 2.53 -28.58
N ILE A 50 5.33 2.62 -27.26
CA ILE A 50 6.51 2.86 -26.43
C ILE A 50 7.01 1.53 -25.90
N GLY A 51 8.22 1.14 -26.31
CA GLY A 51 8.87 -0.06 -25.82
C GLY A 51 9.20 0.06 -24.33
N ASP A 52 9.47 -1.09 -23.69
CA ASP A 52 9.65 -1.15 -22.25
C ASP A 52 10.87 -0.34 -21.82
N GLU A 53 11.95 -0.40 -22.62
CA GLU A 53 13.18 0.31 -22.32
C GLU A 53 12.92 1.81 -22.25
N GLU A 54 12.22 2.34 -23.27
CA GLU A 54 11.92 3.76 -23.34
C GLU A 54 11.00 4.15 -22.20
N LEU A 55 10.00 3.30 -21.93
CA LEU A 55 9.01 3.56 -20.90
C LEU A 55 9.72 3.70 -19.55
N SER A 56 10.57 2.73 -19.24
CA SER A 56 11.32 2.69 -17.99
C SER A 56 12.20 3.94 -17.88
N LYS A 57 12.87 4.29 -18.99
CA LYS A 57 13.77 5.43 -19.03
C LYS A 57 13.02 6.72 -18.71
N ARG A 58 11.84 6.89 -19.32
CA ARG A 58 11.05 8.10 -19.15
C ARG A 58 10.57 8.25 -17.71
N ILE A 59 10.13 7.14 -17.11
CA ILE A 59 9.56 7.20 -15.76
C ILE A 59 10.69 7.43 -14.75
N LYS A 60 11.83 6.75 -14.96
CA LYS A 60 13.00 6.95 -14.11
C LYS A 60 13.38 8.43 -14.04
N GLU A 61 13.33 9.12 -15.19
N GLU A 61 13.35 9.10 -15.21
CA GLU A 61 13.71 10.52 -15.29
CA GLU A 61 13.68 10.51 -15.33
C GLU A 61 12.73 11.39 -14.50
C GLU A 61 12.74 11.36 -14.48
N ILE A 62 11.45 11.00 -14.51
CA ILE A 62 10.43 11.73 -13.75
C ILE A 62 10.74 11.64 -12.26
N PHE A 63 11.10 10.43 -11.80
CA PHE A 63 11.41 10.20 -10.40
C PHE A 63 12.71 10.92 -10.00
N GLY A 64 13.68 10.96 -10.92
CA GLY A 64 14.91 11.70 -10.70
C GLY A 64 14.65 13.18 -10.41
N LYS A 65 13.69 13.77 -11.13
CA LYS A 65 13.33 15.16 -10.93
C LYS A 65 12.70 15.36 -9.55
N ARG A 66 11.95 14.34 -9.08
CA ARG A 66 11.37 14.39 -7.76
C ARG A 66 12.47 14.40 -6.69
N LEU A 67 13.53 13.61 -6.90
CA LEU A 67 14.65 13.59 -5.96
C LEU A 67 15.28 14.98 -5.90
N GLN A 68 15.41 15.63 -7.06
CA GLN A 68 16.03 16.95 -7.10
C GLN A 68 15.18 17.96 -6.34
N TRP A 69 13.85 17.79 -6.45
CA TRP A 69 12.87 18.62 -5.79
C TRP A 69 12.95 18.45 -4.27
N GLY A 70 13.25 17.23 -3.82
CA GLY A 70 13.07 16.87 -2.41
C GLY A 70 14.33 17.03 -1.55
N TYR A 71 15.50 16.83 -2.15
CA TYR A 71 16.77 16.92 -1.42
C TYR A 71 17.20 18.37 -1.32
N LYS A 72 17.50 18.82 -0.08
CA LYS A 72 17.96 20.17 0.16
C LYS A 72 19.47 20.15 0.47
N PRO A 73 20.18 21.28 0.26
CA PRO A 73 21.63 21.33 0.41
C PRO A 73 22.18 21.23 1.84
N THR A 74 21.35 21.54 2.84
CA THR A 74 21.74 21.50 4.24
C THR A 74 20.67 20.78 5.04
N HIS A 75 21.05 20.20 6.18
CA HIS A 75 20.05 19.59 7.06
C HIS A 75 19.09 20.67 7.58
N GLN A 76 19.61 21.89 7.78
N GLN A 76 19.60 21.88 7.81
CA GLN A 76 18.81 23.03 8.19
CA GLN A 76 18.75 23.00 8.23
C GLN A 76 17.65 23.23 7.23
C GLN A 76 17.60 23.16 7.22
N GLN A 77 17.96 23.21 5.93
CA GLN A 77 16.96 23.41 4.89
C GLN A 77 16.09 22.16 4.75
N GLN A 78 16.71 20.99 4.90
CA GLN A 78 15.93 19.76 4.79
C GLN A 78 14.81 19.72 5.83
N LEU A 79 15.13 20.04 7.10
CA LEU A 79 14.14 20.03 8.16
C LEU A 79 13.09 21.13 7.96
N ALA A 80 13.51 22.28 7.41
CA ALA A 80 12.55 23.34 7.17
C ALA A 80 11.50 22.86 6.16
N PHE A 81 11.99 22.21 5.10
CA PHE A 81 11.16 21.66 4.03
C PHE A 81 10.23 20.60 4.61
N ASN A 82 10.80 19.71 5.43
CA ASN A 82 10.02 18.59 5.92
C ASN A 82 8.95 19.05 6.90
N LEU A 83 9.30 20.01 7.77
CA LEU A 83 8.35 20.48 8.75
C LEU A 83 7.21 21.27 8.09
N ASP A 84 7.53 21.98 7.00
N ASP A 84 7.53 22.00 7.01
CA ASP A 84 6.50 22.70 6.26
CA ASP A 84 6.53 22.68 6.22
C ASP A 84 5.46 21.70 5.75
C ASP A 84 5.46 21.68 5.78
N PHE A 85 5.93 20.56 5.25
CA PHE A 85 5.03 19.53 4.73
C PHE A 85 4.17 18.98 5.87
N ILE A 86 4.80 18.70 7.01
N ILE A 86 4.82 18.65 7.00
CA ILE A 86 4.10 18.11 8.16
CA ILE A 86 4.14 18.13 8.16
C ILE A 86 3.08 19.09 8.70
C ILE A 86 3.05 19.11 8.59
N LYS A 87 3.41 20.39 8.73
CA LYS A 87 2.48 21.42 9.15
C LYS A 87 1.28 21.50 8.20
N SER A 88 1.54 21.37 6.89
CA SER A 88 0.48 21.45 5.89
C SER A 88 -0.54 20.32 6.09
N LEU A 89 -0.04 19.13 6.45
CA LEU A 89 -0.90 17.98 6.67
C LEU A 89 -1.87 18.23 7.82
N LYS A 90 -1.42 19.00 8.81
CA LYS A 90 -2.17 19.21 10.04
C LYS A 90 -3.28 20.23 9.84
N GLU A 91 -3.36 20.81 8.64
CA GLU A 91 -4.39 21.80 8.32
C GLU A 91 -5.50 21.19 7.46
N MET A 92 -5.23 20.00 6.91
CA MET A 92 -6.14 19.34 5.99
C MET A 92 -7.24 18.61 6.77
N ASP A 93 -8.49 18.95 6.45
CA ASP A 93 -9.65 18.41 7.13
C ASP A 93 -10.50 17.58 6.14
N GLU A 104 -15.71 2.79 -5.76
CA GLU A 104 -16.52 3.86 -6.38
C GLU A 104 -17.69 3.24 -7.13
N THR A 105 -17.48 2.91 -8.41
CA THR A 105 -18.51 2.34 -9.26
C THR A 105 -17.95 1.09 -9.95
N TYR A 106 -16.72 1.20 -10.46
CA TYR A 106 -16.09 0.09 -11.15
C TYR A 106 -14.97 -0.49 -10.31
N GLU A 107 -15.05 -1.81 -10.08
CA GLU A 107 -14.00 -2.58 -9.44
C GLU A 107 -13.62 -3.75 -10.34
N LEU A 108 -12.32 -4.07 -10.37
CA LEU A 108 -11.81 -5.17 -11.17
C LEU A 108 -12.40 -6.49 -10.67
N PRO A 109 -12.84 -7.39 -11.58
CA PRO A 109 -13.30 -8.72 -11.17
C PRO A 109 -12.22 -9.52 -10.46
N SER A 110 -12.63 -10.37 -9.51
CA SER A 110 -11.67 -11.10 -8.69
C SER A 110 -10.82 -12.02 -9.58
N ALA A 111 -11.42 -12.53 -10.65
CA ALA A 111 -10.72 -13.41 -11.57
C ALA A 111 -9.52 -12.71 -12.21
N PHE A 112 -9.68 -11.40 -12.50
CA PHE A 112 -8.59 -10.62 -13.06
C PHE A 112 -7.50 -10.42 -12.00
N LEU A 113 -7.92 -10.07 -10.78
CA LEU A 113 -6.98 -9.82 -9.70
C LEU A 113 -6.13 -11.08 -9.46
N GLU A 114 -6.78 -12.25 -9.51
CA GLU A 114 -6.11 -13.53 -9.32
C GLU A 114 -5.09 -13.79 -10.42
N ALA A 115 -5.33 -13.24 -11.62
CA ALA A 115 -4.46 -13.47 -12.77
C ALA A 115 -3.24 -12.55 -12.74
N ALA A 116 -3.32 -11.45 -11.96
CA ALA A 116 -2.25 -10.46 -11.95
C ALA A 116 -1.45 -10.50 -10.65
N PHE A 117 -2.13 -10.66 -9.51
CA PHE A 117 -1.47 -10.62 -8.21
C PHE A 117 -1.16 -12.04 -7.75
N GLY A 118 -0.52 -12.14 -6.57
CA GLY A 118 -0.21 -13.43 -5.98
C GLY A 118 -1.45 -14.11 -5.39
N LYS A 119 -1.23 -15.27 -4.77
CA LYS A 119 -2.30 -16.18 -4.37
C LYS A 119 -3.35 -15.52 -3.49
N THR A 120 -2.91 -14.68 -2.54
CA THR A 120 -3.86 -14.04 -1.62
C THR A 120 -4.21 -12.62 -2.09
N ILE A 121 -3.80 -12.28 -3.32
CA ILE A 121 -4.08 -10.99 -3.95
C ILE A 121 -3.62 -9.86 -3.03
N LYS A 122 -2.39 -10.00 -2.49
CA LYS A 122 -1.85 -8.94 -1.65
C LYS A 122 -1.52 -7.73 -2.52
N GLN A 123 -1.93 -6.55 -2.06
CA GLN A 123 -1.80 -5.33 -2.83
C GLN A 123 -0.98 -4.33 -2.02
N SER A 124 0.26 -4.75 -1.74
CA SER A 124 1.19 -4.04 -0.89
C SER A 124 2.55 -4.68 -1.09
N GLY A 125 3.61 -3.98 -0.69
CA GLY A 125 4.96 -4.49 -0.84
C GLY A 125 5.12 -5.83 -0.12
N CYS A 126 5.81 -6.77 -0.77
CA CYS A 126 6.04 -8.09 -0.21
C CYS A 126 7.51 -8.21 0.17
N TYR A 127 7.93 -9.39 0.62
CA TYR A 127 9.28 -9.54 1.13
C TYR A 127 9.95 -10.75 0.46
N PHE A 128 11.07 -10.50 -0.24
CA PHE A 128 11.74 -11.50 -1.07
C PHE A 128 13.11 -11.84 -0.50
N LYS A 129 13.18 -13.02 0.13
CA LYS A 129 14.44 -13.49 0.68
C LYS A 129 15.46 -13.69 -0.44
N ASP A 130 15.03 -14.35 -1.52
CA ASP A 130 15.91 -14.73 -2.62
C ASP A 130 15.45 -14.07 -3.92
N GLU A 131 16.33 -14.12 -4.93
CA GLU A 131 16.03 -13.62 -6.26
C GLU A 131 15.02 -14.55 -6.93
N THR A 132 14.91 -15.78 -6.43
CA THR A 132 14.01 -16.78 -6.99
C THR A 132 12.77 -16.97 -6.11
N THR A 133 12.63 -16.18 -5.04
CA THR A 133 11.41 -16.22 -4.24
C THR A 133 10.24 -15.87 -5.14
N THR A 134 9.17 -16.67 -5.09
CA THR A 134 7.97 -16.43 -5.89
C THR A 134 7.11 -15.39 -5.19
N ILE A 135 6.18 -14.78 -5.93
CA ILE A 135 5.29 -13.81 -5.33
C ILE A 135 4.44 -14.45 -4.23
N ASP A 136 4.02 -15.72 -4.40
CA ASP A 136 3.23 -16.39 -3.38
C ASP A 136 4.04 -16.53 -2.08
N GLU A 137 5.33 -16.88 -2.22
CA GLU A 137 6.20 -17.02 -1.07
C GLU A 137 6.44 -15.66 -0.41
N ALA A 138 6.55 -14.62 -1.25
CA ALA A 138 6.87 -13.27 -0.76
C ALA A 138 5.67 -12.67 -0.01
N GLU A 139 4.44 -12.99 -0.45
CA GLU A 139 3.25 -12.61 0.30
C GLU A 139 3.31 -13.21 1.71
N GLU A 140 3.57 -14.52 1.80
CA GLU A 140 3.58 -15.21 3.07
C GLU A 140 4.67 -14.64 3.99
N ALA A 141 5.85 -14.39 3.42
CA ALA A 141 6.97 -13.84 4.17
C ALA A 141 6.62 -12.48 4.76
N SER A 142 5.93 -11.64 3.98
N SER A 142 5.93 -11.65 3.96
CA SER A 142 5.56 -10.31 4.46
CA SER A 142 5.52 -10.33 4.37
C SER A 142 4.49 -10.41 5.55
C SER A 142 4.50 -10.42 5.51
N HIS A 143 3.51 -11.32 5.36
CA HIS A 143 2.52 -11.57 6.39
C HIS A 143 3.22 -11.94 7.71
N GLU A 144 4.23 -12.82 7.62
N GLU A 144 4.21 -12.82 7.62
CA GLU A 144 4.94 -13.27 8.80
CA GLU A 144 4.93 -13.28 8.81
C GLU A 144 5.71 -12.12 9.45
C GLU A 144 5.68 -12.11 9.45
N LEU A 145 6.32 -11.28 8.62
CA LEU A 145 7.06 -10.12 9.11
C LEU A 145 6.14 -9.20 9.90
N TYR A 146 4.93 -8.95 9.38
CA TYR A 146 3.99 -8.09 10.09
C TYR A 146 3.60 -8.71 11.43
N CYS A 147 3.39 -10.03 11.46
CA CYS A 147 2.97 -10.70 12.68
C CYS A 147 4.06 -10.59 13.76
N GLU A 148 5.31 -10.73 13.36
N GLU A 148 5.32 -10.71 13.34
CA GLU A 148 6.44 -10.60 14.28
CA GLU A 148 6.48 -10.61 14.21
C GLU A 148 6.48 -9.18 14.82
C GLU A 148 6.61 -9.21 14.78
N ARG A 149 6.52 -8.20 13.90
CA ARG A 149 6.78 -6.82 14.29
C ARG A 149 5.61 -6.21 15.08
N ALA A 150 4.38 -6.65 14.79
CA ALA A 150 3.21 -6.19 15.51
C ALA A 150 2.98 -7.00 16.80
N GLN A 151 3.84 -7.98 17.05
CA GLN A 151 3.80 -8.79 18.26
C GLN A 151 2.43 -9.45 18.41
N ILE A 152 1.95 -10.08 17.33
CA ILE A 152 0.70 -10.84 17.34
C ILE A 152 0.91 -12.09 18.20
N LYS A 153 -0.07 -12.35 19.07
CA LYS A 153 -0.06 -13.53 19.92
C LYS A 153 -1.45 -14.14 19.90
N ASP A 154 -1.48 -15.47 20.04
CA ASP A 154 -2.76 -16.18 20.00
C ASP A 154 -3.67 -15.65 21.09
N GLY A 155 -4.96 -15.45 20.75
CA GLY A 155 -5.96 -15.01 21.70
C GLY A 155 -6.32 -13.52 21.61
N GLN A 156 -5.53 -12.76 20.85
N GLN A 156 -5.53 -12.74 20.89
CA GLN A 156 -5.74 -11.33 20.73
CA GLN A 156 -5.78 -11.30 20.84
C GLN A 156 -6.91 -11.03 19.80
C GLN A 156 -6.85 -10.99 19.80
N THR A 157 -7.57 -9.88 20.03
CA THR A 157 -8.46 -9.28 19.05
C THR A 157 -7.61 -8.42 18.12
N VAL A 158 -7.83 -8.56 16.81
CA VAL A 158 -6.99 -7.92 15.80
C VAL A 158 -7.89 -7.22 14.79
N LEU A 159 -7.56 -5.96 14.46
CA LEU A 159 -8.26 -5.18 13.46
C LEU A 159 -7.28 -4.83 12.35
N ASP A 160 -7.65 -5.14 11.10
CA ASP A 160 -6.83 -4.79 9.94
C ASP A 160 -7.56 -3.72 9.12
N ILE A 161 -7.00 -2.49 9.15
CA ILE A 161 -7.65 -1.34 8.54
C ILE A 161 -7.25 -1.19 7.08
N GLY A 162 -8.27 -1.19 6.21
CA GLY A 162 -8.04 -1.20 4.77
C GLY A 162 -7.45 -2.55 4.34
N CYS A 163 -8.18 -3.62 4.65
CA CYS A 163 -7.65 -4.97 4.61
C CYS A 163 -7.56 -5.53 3.19
N GLY A 164 -8.11 -4.80 2.20
CA GLY A 164 -8.04 -5.22 0.82
C GLY A 164 -8.74 -6.58 0.62
N GLN A 165 -8.03 -7.51 -0.04
N GLN A 165 -8.05 -7.51 -0.06
CA GLN A 165 -8.58 -8.82 -0.35
CA GLN A 165 -8.59 -8.83 -0.35
C GLN A 165 -8.34 -9.78 0.82
C GLN A 165 -8.50 -9.74 0.88
N GLY A 166 -7.83 -9.27 1.94
CA GLY A 166 -7.85 -9.97 3.22
C GLY A 166 -6.75 -11.01 3.45
N GLY A 167 -5.66 -10.95 2.68
CA GLY A 167 -4.57 -11.91 2.84
C GLY A 167 -4.03 -11.97 4.27
N LEU A 168 -3.84 -10.80 4.89
CA LEU A 168 -3.28 -10.74 6.23
C LEU A 168 -4.30 -11.22 7.26
N VAL A 169 -5.57 -10.84 7.08
CA VAL A 169 -6.65 -11.27 7.95
C VAL A 169 -6.71 -12.80 7.95
N LEU A 170 -6.65 -13.39 6.76
CA LEU A 170 -6.76 -14.85 6.64
C LEU A 170 -5.52 -15.53 7.22
N HIS A 171 -4.36 -14.89 7.05
CA HIS A 171 -3.11 -15.44 7.57
C HIS A 171 -3.17 -15.51 9.09
N ILE A 172 -3.56 -14.40 9.74
CA ILE A 172 -3.59 -14.35 11.19
C ILE A 172 -4.65 -15.33 11.72
N ALA A 173 -5.80 -15.36 11.05
CA ALA A 173 -6.89 -16.22 11.50
C ALA A 173 -6.48 -17.70 11.49
N GLN A 174 -5.74 -18.10 10.46
N GLN A 174 -5.71 -18.11 10.47
CA GLN A 174 -5.30 -19.49 10.28
CA GLN A 174 -5.34 -19.51 10.33
C GLN A 174 -4.23 -19.83 11.31
C GLN A 174 -4.19 -19.87 11.26
N LYS A 175 -3.27 -18.92 11.50
CA LYS A 175 -2.09 -19.18 12.32
C LYS A 175 -2.43 -19.14 13.82
N TYR A 176 -3.38 -18.29 14.20
CA TYR A 176 -3.70 -18.06 15.60
C TYR A 176 -5.20 -18.32 15.79
N LYS A 177 -5.56 -19.57 16.10
CA LYS A 177 -6.96 -19.97 16.10
C LYS A 177 -7.79 -19.30 17.19
N ASN A 178 -7.15 -18.79 18.25
CA ASN A 178 -7.85 -18.16 19.35
C ASN A 178 -7.92 -16.64 19.18
N CYS A 179 -7.25 -16.12 18.14
CA CYS A 179 -7.44 -14.72 17.80
C CYS A 179 -8.81 -14.54 17.17
N HIS A 180 -9.44 -13.40 17.44
N HIS A 180 -9.38 -13.35 17.33
CA HIS A 180 -10.53 -12.95 16.59
CA HIS A 180 -10.57 -12.94 16.60
C HIS A 180 -9.96 -11.85 15.71
C HIS A 180 -10.18 -11.75 15.72
N VAL A 181 -10.19 -11.99 14.39
CA VAL A 181 -9.61 -11.09 13.42
C VAL A 181 -10.74 -10.38 12.66
N THR A 182 -10.69 -9.04 12.66
CA THR A 182 -11.66 -8.23 11.94
C THR A 182 -10.93 -7.47 10.84
N GLY A 183 -11.40 -7.61 9.60
CA GLY A 183 -10.94 -6.75 8.52
C GLY A 183 -11.91 -5.59 8.32
N LEU A 184 -11.38 -4.41 7.98
CA LEU A 184 -12.23 -3.26 7.69
C LEU A 184 -11.88 -2.76 6.29
N THR A 185 -12.90 -2.70 5.43
CA THR A 185 -12.73 -2.29 4.04
C THR A 185 -13.95 -1.48 3.61
N ASN A 186 -13.73 -0.58 2.64
CA ASN A 186 -14.78 0.26 2.11
C ASN A 186 -15.39 -0.38 0.87
N SER A 187 -14.97 -1.61 0.55
CA SER A 187 -15.41 -2.29 -0.66
C SER A 187 -16.28 -3.50 -0.32
N LYS A 188 -17.53 -3.49 -0.82
CA LYS A 188 -18.45 -4.59 -0.61
C LYS A 188 -17.91 -5.85 -1.29
N ALA A 189 -17.32 -5.68 -2.48
CA ALA A 189 -16.75 -6.81 -3.22
C ALA A 189 -15.64 -7.47 -2.40
N GLN A 190 -14.82 -6.63 -1.73
CA GLN A 190 -13.71 -7.15 -0.95
C GLN A 190 -14.24 -7.92 0.27
N LYS A 191 -15.25 -7.35 0.94
CA LYS A 191 -15.86 -8.00 2.09
C LYS A 191 -16.35 -9.39 1.68
N ASN A 192 -17.06 -9.44 0.56
CA ASN A 192 -17.66 -10.69 0.08
C ASN A 192 -16.58 -11.73 -0.24
N TYR A 193 -15.47 -11.28 -0.84
CA TYR A 193 -14.35 -12.15 -1.19
C TYR A 193 -13.74 -12.77 0.08
N ILE A 194 -13.49 -11.93 1.09
CA ILE A 194 -12.87 -12.38 2.32
C ILE A 194 -13.75 -13.42 3.01
N LEU A 195 -15.06 -13.15 3.08
CA LEU A 195 -15.96 -14.04 3.78
C LEU A 195 -16.04 -15.39 3.07
N MET A 196 -16.03 -15.36 1.74
N MET A 196 -15.99 -15.35 1.74
CA MET A 196 -16.01 -16.59 0.98
CA MET A 196 -16.01 -16.55 0.92
C MET A 196 -14.74 -17.39 1.29
C MET A 196 -14.74 -17.38 1.13
N GLN A 197 -13.59 -16.70 1.25
CA GLN A 197 -12.33 -17.38 1.50
C GLN A 197 -12.30 -17.98 2.91
N ALA A 198 -12.83 -17.23 3.89
CA ALA A 198 -12.86 -17.72 5.26
C ALA A 198 -13.69 -19.00 5.35
N GLU A 199 -14.80 -19.03 4.61
CA GLU A 199 -15.68 -20.18 4.60
C GLU A 199 -14.96 -21.38 3.98
N LYS A 200 -14.25 -21.15 2.87
CA LYS A 200 -13.52 -22.19 2.17
C LYS A 200 -12.39 -22.75 3.03
N LEU A 201 -11.78 -21.88 3.85
CA LEU A 201 -10.65 -22.27 4.67
C LEU A 201 -11.05 -22.79 6.05
N GLN A 202 -12.36 -22.86 6.32
N GLN A 202 -12.36 -22.95 6.30
CA GLN A 202 -12.86 -23.43 7.56
CA GLN A 202 -12.90 -23.45 7.56
C GLN A 202 -12.49 -22.54 8.75
C GLN A 202 -12.43 -22.55 8.72
N LEU A 203 -12.46 -21.22 8.49
CA LEU A 203 -12.10 -20.27 9.53
C LEU A 203 -13.38 -19.75 10.18
N SER A 204 -13.42 -19.73 11.51
CA SER A 204 -14.62 -19.32 12.22
C SER A 204 -14.36 -18.05 13.02
N ASN A 205 -13.16 -17.46 12.85
CA ASN A 205 -12.69 -16.39 13.72
C ASN A 205 -12.46 -15.10 12.93
N VAL A 206 -13.20 -14.95 11.82
CA VAL A 206 -13.06 -13.81 10.92
C VAL A 206 -14.37 -13.05 10.82
N ASP A 207 -14.30 -11.72 10.91
N ASP A 207 -14.28 -11.72 10.93
CA ASP A 207 -15.42 -10.90 10.50
CA ASP A 207 -15.36 -10.80 10.61
C ASP A 207 -14.88 -9.70 9.72
C ASP A 207 -14.84 -9.76 9.63
N VAL A 208 -15.77 -9.06 8.96
CA VAL A 208 -15.41 -7.92 8.13
C VAL A 208 -16.40 -6.79 8.38
N ILE A 209 -15.85 -5.60 8.67
CA ILE A 209 -16.63 -4.38 8.76
C ILE A 209 -16.55 -3.69 7.39
N LEU A 210 -17.73 -3.41 6.81
CA LEU A 210 -17.82 -2.60 5.60
C LEU A 210 -18.02 -1.14 6.00
N ALA A 211 -16.99 -0.31 5.80
CA ALA A 211 -17.01 1.07 6.25
C ALA A 211 -15.91 1.89 5.58
N ASP A 212 -16.20 3.17 5.38
CA ASP A 212 -15.19 4.20 5.23
C ASP A 212 -14.61 4.45 6.63
N VAL A 213 -13.31 4.17 6.81
CA VAL A 213 -12.73 4.22 8.13
C VAL A 213 -12.85 5.63 8.72
N THR A 214 -12.88 6.65 7.84
CA THR A 214 -12.91 8.03 8.30
C THR A 214 -14.26 8.37 8.90
N LYS A 215 -15.27 7.52 8.65
CA LYS A 215 -16.64 7.77 9.07
C LYS A 215 -17.09 6.76 10.13
N HIS A 216 -16.31 5.68 10.29
CA HIS A 216 -16.69 4.57 11.16
C HIS A 216 -16.65 5.00 12.62
N GLU A 217 -17.76 4.77 13.33
CA GLU A 217 -17.85 5.08 14.75
C GLU A 217 -18.14 3.80 15.51
N SER A 218 -17.36 3.56 16.58
CA SER A 218 -17.52 2.37 17.38
C SER A 218 -16.86 2.55 18.75
N ASP A 219 -17.42 1.87 19.76
CA ASP A 219 -16.86 1.85 21.10
C ASP A 219 -15.91 0.68 21.26
N LYS A 220 -15.89 -0.22 20.25
CA LYS A 220 -15.12 -1.45 20.33
C LYS A 220 -13.63 -1.13 20.36
N THR A 221 -12.88 -1.88 21.18
CA THR A 221 -11.42 -1.77 21.20
C THR A 221 -10.80 -3.09 20.78
N TYR A 222 -9.51 -3.03 20.40
CA TYR A 222 -8.78 -4.18 19.88
C TYR A 222 -7.38 -4.22 20.50
N ASP A 223 -6.87 -5.44 20.71
CA ASP A 223 -5.53 -5.62 21.22
C ASP A 223 -4.48 -5.20 20.20
N ARG A 224 -4.79 -5.38 18.91
CA ARG A 224 -3.83 -5.07 17.87
C ARG A 224 -4.56 -4.41 16.71
N ILE A 225 -4.02 -3.30 16.23
CA ILE A 225 -4.54 -2.65 15.03
C ILE A 225 -3.40 -2.60 14.02
N LEU A 226 -3.70 -3.05 12.80
N LEU A 226 -3.66 -3.08 12.79
CA LEU A 226 -2.73 -3.10 11.72
CA LEU A 226 -2.66 -3.10 11.74
C LEU A 226 -3.20 -2.19 10.60
C LEU A 226 -3.14 -2.29 10.54
N VAL A 227 -2.27 -1.42 10.03
CA VAL A 227 -2.60 -0.56 8.90
C VAL A 227 -1.51 -0.75 7.84
N ILE A 228 -1.81 -1.55 6.80
CA ILE A 228 -0.81 -1.93 5.83
C ILE A 228 -1.05 -1.18 4.53
N GLU A 229 -0.25 -0.12 4.31
CA GLU A 229 -0.28 0.65 3.08
C GLU A 229 -1.67 1.25 2.84
N THR A 230 -2.33 1.70 3.92
CA THR A 230 -3.61 2.36 3.83
C THR A 230 -3.47 3.84 4.22
N ILE A 231 -2.49 4.17 5.06
CA ILE A 231 -2.41 5.54 5.58
C ILE A 231 -2.06 6.52 4.46
N GLU A 232 -1.45 6.01 3.38
CA GLU A 232 -1.12 6.79 2.20
C GLU A 232 -2.37 7.41 1.57
N HIS A 233 -3.53 6.83 1.85
CA HIS A 233 -4.78 7.28 1.24
C HIS A 233 -5.58 8.17 2.18
N MET A 234 -5.03 8.44 3.37
CA MET A 234 -5.79 9.17 4.38
C MET A 234 -5.61 10.67 4.18
N LYS A 235 -6.74 11.38 4.06
CA LYS A 235 -6.75 12.81 3.80
C LYS A 235 -6.29 13.56 5.06
N ASN A 236 -6.68 13.04 6.23
CA ASN A 236 -6.43 13.71 7.51
C ASN A 236 -5.79 12.72 8.48
N ILE A 237 -4.45 12.76 8.57
CA ILE A 237 -3.70 11.74 9.29
C ILE A 237 -3.84 11.95 10.80
N GLN A 238 -3.79 13.21 11.25
CA GLN A 238 -3.85 13.51 12.68
C GLN A 238 -5.16 12.99 13.26
N LEU A 239 -6.27 13.20 12.53
CA LEU A 239 -7.57 12.74 12.97
C LEU A 239 -7.66 11.21 12.88
N PHE A 240 -6.99 10.64 11.88
CA PHE A 240 -6.95 9.21 11.67
C PHE A 240 -6.29 8.54 12.88
N MET A 241 -5.09 9.02 13.25
CA MET A 241 -4.37 8.44 14.38
C MET A 241 -5.16 8.63 15.68
N LYS A 242 -5.85 9.77 15.81
CA LYS A 242 -6.68 10.02 16.97
C LYS A 242 -7.80 9.00 17.06
N LYS A 243 -8.47 8.76 15.93
CA LYS A 243 -9.56 7.79 15.89
C LYS A 243 -9.03 6.41 16.28
N LEU A 244 -7.89 6.00 15.72
CA LEU A 244 -7.30 4.71 16.01
C LEU A 244 -7.05 4.58 17.52
N SER A 245 -6.59 5.66 18.16
CA SER A 245 -6.27 5.60 19.57
C SER A 245 -7.51 5.30 20.42
N THR A 246 -8.69 5.73 19.93
CA THR A 246 -9.92 5.52 20.67
C THR A 246 -10.39 4.07 20.56
N TRP A 247 -9.76 3.30 19.64
CA TRP A 247 -10.06 1.89 19.45
C TRP A 247 -9.01 1.01 20.11
N MET A 248 -8.17 1.63 20.96
CA MET A 248 -7.12 0.92 21.66
C MET A 248 -7.36 1.04 23.16
N THR A 249 -6.86 0.05 23.91
CA THR A 249 -6.73 0.18 25.35
C THR A 249 -5.26 0.38 25.69
N GLU A 250 -4.96 0.46 26.99
CA GLU A 250 -3.60 0.65 27.47
C GLU A 250 -2.69 -0.53 27.11
N ASP A 251 -3.29 -1.67 26.73
CA ASP A 251 -2.53 -2.87 26.45
C ASP A 251 -2.35 -3.08 24.95
N SER A 252 -2.98 -2.22 24.14
CA SER A 252 -3.01 -2.39 22.70
C SER A 252 -1.71 -1.93 22.05
N LEU A 253 -1.45 -2.46 20.84
CA LEU A 253 -0.39 -1.97 19.97
C LEU A 253 -0.97 -1.67 18.61
N LEU A 254 -0.40 -0.66 17.95
CA LEU A 254 -0.75 -0.23 16.61
C LEU A 254 0.48 -0.41 15.72
N PHE A 255 0.31 -1.08 14.59
CA PHE A 255 1.39 -1.28 13.63
C PHE A 255 1.00 -0.66 12.28
N VAL A 256 1.84 0.26 11.78
CA VAL A 256 1.59 0.94 10.52
C VAL A 256 2.74 0.64 9.56
N ASP A 257 2.39 0.29 8.32
CA ASP A 257 3.33 0.08 7.24
C ASP A 257 2.92 1.02 6.11
N HIS A 258 3.87 1.82 5.61
CA HIS A 258 3.55 2.76 4.53
C HIS A 258 4.71 2.93 3.56
N ILE A 259 4.38 3.13 2.29
CA ILE A 259 5.39 3.51 1.32
C ILE A 259 5.97 4.86 1.74
N CYS A 260 7.28 5.05 1.52
CA CYS A 260 7.92 6.27 1.99
C CYS A 260 9.05 6.66 1.04
N HIS A 261 9.57 7.87 1.25
CA HIS A 261 10.93 8.19 0.84
C HIS A 261 11.75 8.31 2.12
N LYS A 262 13.05 7.98 2.05
N LYS A 262 13.03 7.93 2.06
CA LYS A 262 13.87 7.90 3.26
CA LYS A 262 13.82 7.91 3.29
C LYS A 262 14.19 9.28 3.83
C LYS A 262 13.92 9.32 3.90
N THR A 263 14.00 10.35 3.05
CA THR A 263 14.43 11.69 3.46
C THR A 263 13.28 12.70 3.53
N PHE A 264 12.41 12.71 2.51
CA PHE A 264 11.40 13.75 2.43
C PHE A 264 10.01 13.15 2.13
N SER A 265 8.98 13.98 2.29
CA SER A 265 7.59 13.62 1.99
C SER A 265 7.16 14.31 0.69
N HIS A 266 6.18 13.71 0.00
CA HIS A 266 5.57 14.40 -1.13
C HIS A 266 4.21 13.79 -1.46
N HIS A 267 3.35 14.62 -2.06
CA HIS A 267 2.14 14.08 -2.66
C HIS A 267 2.50 13.41 -3.97
N PHE A 268 1.72 12.39 -4.33
CA PHE A 268 1.92 11.70 -5.58
C PHE A 268 1.20 12.48 -6.65
N GLU A 269 1.96 13.36 -7.33
CA GLU A 269 1.39 14.29 -8.28
C GLU A 269 2.52 14.84 -9.15
N ALA A 270 2.17 15.47 -10.28
CA ALA A 270 3.16 16.02 -11.19
C ALA A 270 3.83 17.24 -10.57
N ILE A 271 5.15 17.31 -10.68
CA ILE A 271 5.88 18.53 -10.37
C ILE A 271 5.64 19.54 -11.49
N ASP A 272 5.87 19.10 -12.73
CA ASP A 272 5.85 19.98 -13.89
C ASP A 272 4.97 19.39 -14.98
N GLU A 273 4.93 20.06 -16.14
CA GLU A 273 4.09 19.68 -17.26
C GLU A 273 4.71 18.52 -18.04
N ASP A 274 5.96 18.17 -17.70
CA ASP A 274 6.66 17.09 -18.37
C ASP A 274 6.28 15.74 -17.76
N ASP A 275 5.65 15.76 -16.59
CA ASP A 275 5.28 14.53 -15.89
C ASP A 275 3.87 14.10 -16.31
N TRP A 276 3.82 13.16 -17.26
CA TRP A 276 2.58 12.56 -17.74
C TRP A 276 2.17 11.41 -16.83
N TYR A 277 3.11 10.93 -16.00
CA TYR A 277 2.97 9.65 -15.31
C TYR A 277 2.09 9.77 -14.07
N SER A 278 2.35 10.76 -13.22
CA SER A 278 1.75 10.81 -11.89
C SER A 278 0.23 10.85 -11.98
N GLY A 279 -0.29 11.70 -12.88
CA GLY A 279 -1.72 11.93 -13.02
C GLY A 279 -2.41 10.81 -13.79
N PHE A 280 -1.64 10.08 -14.61
CA PHE A 280 -2.16 8.92 -15.30
C PHE A 280 -2.43 7.80 -14.31
N ILE A 281 -1.52 7.61 -13.35
CA ILE A 281 -1.58 6.52 -12.40
C ILE A 281 -2.62 6.82 -11.33
N PHE A 282 -2.54 8.03 -10.76
CA PHE A 282 -3.53 8.48 -9.79
C PHE A 282 -4.14 9.78 -10.32
N PRO A 283 -5.22 9.69 -11.15
CA PRO A 283 -5.87 10.88 -11.69
C PRO A 283 -6.44 11.80 -10.62
N LYS A 284 -6.41 11.32 -9.37
CA LYS A 284 -6.87 12.06 -8.21
C LYS A 284 -5.66 12.47 -7.38
N GLY A 285 -5.78 13.59 -6.65
CA GLY A 285 -4.78 13.98 -5.68
C GLY A 285 -5.09 13.36 -4.31
N CYS A 286 -4.73 12.07 -4.16
CA CYS A 286 -5.29 11.27 -3.09
C CYS A 286 -4.26 10.36 -2.43
N VAL A 287 -3.00 10.40 -2.91
CA VAL A 287 -1.95 9.54 -2.37
C VAL A 287 -0.79 10.41 -1.86
N THR A 288 -0.39 10.18 -0.61
CA THR A 288 0.72 10.90 0.01
C THR A 288 1.84 9.91 0.32
N ILE A 289 3.07 10.29 -0.06
CA ILE A 289 4.25 9.51 0.27
C ILE A 289 4.97 10.22 1.41
N LEU A 290 4.76 9.73 2.62
CA LEU A 290 5.39 10.30 3.80
C LEU A 290 6.87 9.94 3.79
N SER A 291 7.69 10.78 4.40
CA SER A 291 9.08 10.41 4.65
C SER A 291 9.08 9.26 5.66
N ALA A 292 10.23 8.58 5.77
CA ALA A 292 10.39 7.46 6.69
C ALA A 292 10.15 7.87 8.14
N SER A 293 10.27 9.16 8.45
N SER A 293 10.28 9.16 8.47
CA SER A 293 10.19 9.64 9.83
CA SER A 293 10.14 9.59 9.85
C SER A 293 8.93 10.49 10.08
C SER A 293 8.96 10.53 10.08
N ALA A 294 8.15 10.77 9.03
CA ALA A 294 7.03 11.71 9.12
C ALA A 294 6.07 11.35 10.25
N LEU A 295 5.76 10.05 10.46
CA LEU A 295 4.78 9.68 11.47
C LEU A 295 5.29 9.94 12.90
N LEU A 296 6.59 10.17 13.07
CA LEU A 296 7.10 10.53 14.39
C LEU A 296 6.53 11.86 14.87
N TYR A 297 6.01 12.68 13.93
CA TYR A 297 5.47 13.98 14.30
C TYR A 297 3.96 13.89 14.54
N PHE A 298 3.41 12.67 14.51
CA PHE A 298 1.99 12.45 14.74
C PHE A 298 1.76 11.58 15.97
N GLN A 299 2.37 12.00 17.08
CA GLN A 299 2.30 11.29 18.36
C GLN A 299 1.49 12.09 19.38
N ASP A 300 0.44 12.78 18.92
CA ASP A 300 -0.50 13.44 19.81
C ASP A 300 -1.21 12.42 20.70
N ASP A 301 -1.53 11.26 20.12
CA ASP A 301 -2.51 10.34 20.71
C ASP A 301 -1.94 8.94 20.88
N VAL A 302 -0.79 8.69 20.25
CA VAL A 302 -0.07 7.42 20.33
C VAL A 302 1.41 7.74 20.56
N THR A 303 2.16 6.72 21.00
N THR A 303 2.15 6.75 21.07
N THR A 303 2.16 6.77 21.08
CA THR A 303 3.55 6.82 21.42
CA THR A 303 3.57 6.93 21.33
CA THR A 303 3.59 6.99 21.31
C THR A 303 4.36 5.75 20.69
C THR A 303 4.33 5.80 20.64
C THR A 303 4.39 5.83 20.75
N ILE A 304 5.47 6.16 20.03
CA ILE A 304 6.27 5.20 19.27
C ILE A 304 7.04 4.26 20.21
N LEU A 305 7.12 2.99 19.80
CA LEU A 305 7.88 1.96 20.49
C LEU A 305 9.01 1.42 19.60
N ASP A 306 8.77 1.33 18.29
CA ASP A 306 9.81 0.84 17.39
C ASP A 306 9.55 1.37 15.98
N HIS A 307 10.58 1.30 15.15
CA HIS A 307 10.61 1.95 13.84
C HIS A 307 11.59 1.19 12.97
N TRP A 308 11.14 0.80 11.77
CA TRP A 308 11.99 0.11 10.80
C TRP A 308 11.73 0.67 9.39
N VAL A 309 12.67 0.38 8.47
CA VAL A 309 12.35 0.45 7.05
C VAL A 309 12.78 -0.86 6.38
N VAL A 310 12.07 -1.18 5.30
CA VAL A 310 12.39 -2.28 4.42
C VAL A 310 12.83 -1.68 3.09
N ASN A 311 14.04 -2.06 2.65
CA ASN A 311 14.66 -1.58 1.42
C ASN A 311 13.70 -1.73 0.24
N GLY A 312 13.75 -0.76 -0.69
CA GLY A 312 12.82 -0.64 -1.79
C GLY A 312 12.89 -1.77 -2.81
N MET A 313 13.98 -2.56 -2.82
CA MET A 313 14.06 -3.64 -3.78
C MET A 313 12.97 -4.68 -3.54
N HIS A 314 12.48 -4.80 -2.30
CA HIS A 314 11.39 -5.72 -2.01
C HIS A 314 10.12 -5.29 -2.74
N MET A 315 9.78 -3.99 -2.65
CA MET A 315 8.65 -3.46 -3.38
C MET A 315 8.88 -3.61 -4.89
N ALA A 316 10.10 -3.32 -5.34
CA ALA A 316 10.42 -3.41 -6.76
C ALA A 316 10.16 -4.82 -7.28
N ARG A 317 10.60 -5.83 -6.51
N ARG A 317 10.63 -5.83 -6.52
CA ARG A 317 10.43 -7.23 -6.89
CA ARG A 317 10.44 -7.22 -6.88
C ARG A 317 8.96 -7.62 -6.85
C ARG A 317 8.95 -7.56 -6.92
N SER A 318 8.17 -6.93 -6.02
CA SER A 318 6.73 -7.17 -5.92
C SER A 318 6.03 -6.73 -7.20
N VAL A 319 6.26 -5.48 -7.62
CA VAL A 319 5.58 -4.94 -8.78
C VAL A 319 6.09 -5.63 -10.05
N ASP A 320 7.36 -6.06 -10.02
CA ASP A 320 7.93 -6.80 -11.14
C ASP A 320 7.19 -8.12 -11.30
N ALA A 321 6.93 -8.80 -10.17
CA ALA A 321 6.24 -10.08 -10.18
C ALA A 321 4.82 -9.92 -10.72
N TRP A 322 4.12 -8.85 -10.31
CA TRP A 322 2.76 -8.62 -10.79
C TRP A 322 2.76 -8.35 -12.29
N ARG A 323 3.75 -7.57 -12.75
CA ARG A 323 3.87 -7.18 -14.16
C ARG A 323 4.11 -8.43 -15.00
N LYS A 324 5.01 -9.30 -14.54
CA LYS A 324 5.38 -10.51 -15.26
C LYS A 324 4.20 -11.47 -15.32
N LYS A 325 3.44 -11.56 -14.22
CA LYS A 325 2.29 -12.46 -14.14
C LYS A 325 1.16 -11.96 -15.05
N LEU A 326 0.91 -10.64 -15.03
CA LEU A 326 -0.07 -10.05 -15.92
C LEU A 326 0.31 -10.32 -17.37
N ASP A 327 1.60 -10.15 -17.70
CA ASP A 327 2.09 -10.37 -19.05
C ASP A 327 1.86 -11.82 -19.47
N LYS A 328 2.10 -12.75 -18.55
CA LYS A 328 1.96 -14.18 -18.81
C LYS A 328 0.50 -14.51 -19.12
N ASN A 329 -0.41 -13.89 -18.35
CA ASN A 329 -1.83 -14.19 -18.42
C ASN A 329 -2.59 -13.12 -19.20
N MET A 330 -1.91 -12.50 -20.17
CA MET A 330 -2.44 -11.33 -20.85
C MET A 330 -3.73 -11.66 -21.61
N GLU A 331 -3.71 -12.77 -22.36
N GLU A 331 -3.72 -12.78 -22.34
CA GLU A 331 -4.86 -13.18 -23.16
CA GLU A 331 -4.85 -13.18 -23.17
C GLU A 331 -6.05 -13.43 -22.25
C GLU A 331 -6.06 -13.48 -22.28
N LEU A 332 -5.81 -14.20 -21.17
CA LEU A 332 -6.84 -14.54 -20.19
C LEU A 332 -7.40 -13.27 -19.55
N ALA A 333 -6.52 -12.33 -19.20
CA ALA A 333 -6.92 -11.09 -18.55
C ALA A 333 -7.88 -10.30 -19.44
N ARG A 334 -7.56 -10.24 -20.75
CA ARG A 334 -8.34 -9.49 -21.72
C ARG A 334 -9.75 -10.09 -21.84
N GLU A 335 -9.82 -11.43 -21.74
CA GLU A 335 -11.08 -12.16 -21.84
C GLU A 335 -11.94 -11.86 -20.61
N ILE A 336 -11.32 -11.87 -19.42
CA ILE A 336 -12.02 -11.68 -18.16
C ILE A 336 -12.63 -10.28 -18.11
N LEU A 337 -11.88 -9.29 -18.60
CA LEU A 337 -12.22 -7.88 -18.42
C LEU A 337 -13.31 -7.43 -19.40
N LEU A 338 -13.40 -8.13 -20.54
CA LEU A 338 -14.22 -7.68 -21.66
C LEU A 338 -15.70 -7.50 -21.26
N PRO A 339 -16.37 -8.52 -20.64
CA PRO A 339 -17.77 -8.37 -20.24
C PRO A 339 -18.09 -7.08 -19.50
N GLY A 340 -17.30 -6.78 -18.46
CA GLY A 340 -17.62 -5.69 -17.55
C GLY A 340 -17.16 -4.33 -18.05
N LEU A 341 -16.36 -4.32 -19.13
CA LEU A 341 -15.78 -3.09 -19.63
C LEU A 341 -16.44 -2.66 -20.94
N GLY A 342 -16.94 -3.63 -21.72
CA GLY A 342 -17.85 -3.33 -22.82
C GLY A 342 -17.15 -3.28 -24.18
N SER A 343 -15.87 -2.91 -24.19
CA SER A 343 -15.11 -2.82 -25.43
C SER A 343 -13.68 -3.30 -25.23
N LYS A 344 -13.08 -3.78 -26.32
CA LYS A 344 -11.72 -4.28 -26.35
C LYS A 344 -10.73 -3.13 -26.13
N GLU A 345 -11.19 -1.89 -26.44
CA GLU A 345 -10.40 -0.69 -26.27
C GLU A 345 -10.37 -0.28 -24.81
N ALA A 346 -11.50 -0.45 -24.11
CA ALA A 346 -11.61 -0.13 -22.70
C ALA A 346 -10.76 -1.12 -21.89
N VAL A 347 -10.71 -2.38 -22.35
CA VAL A 347 -9.90 -3.42 -21.74
C VAL A 347 -8.43 -3.02 -21.85
N ASN A 348 -8.00 -2.65 -23.06
CA ASN A 348 -6.62 -2.29 -23.33
C ASN A 348 -6.19 -1.12 -22.43
N GLY A 349 -7.13 -0.20 -22.20
CA GLY A 349 -6.89 0.99 -21.38
C GLY A 349 -6.58 0.62 -19.93
N VAL A 350 -7.40 -0.29 -19.38
CA VAL A 350 -7.29 -0.70 -17.99
C VAL A 350 -5.97 -1.45 -17.79
N ILE A 351 -5.62 -2.30 -18.77
CA ILE A 351 -4.41 -3.11 -18.71
C ILE A 351 -3.17 -2.21 -18.80
N THR A 352 -3.23 -1.22 -19.71
CA THR A 352 -2.11 -0.30 -19.90
C THR A 352 -1.83 0.44 -18.59
N HIS A 353 -2.91 0.87 -17.91
CA HIS A 353 -2.83 1.60 -16.66
C HIS A 353 -2.13 0.75 -15.60
N ILE A 354 -2.59 -0.49 -15.43
CA ILE A 354 -2.06 -1.38 -14.40
C ILE A 354 -0.61 -1.73 -14.73
N ARG A 355 -0.34 -2.01 -16.01
CA ARG A 355 0.99 -2.44 -16.42
C ARG A 355 1.99 -1.30 -16.23
N THR A 356 1.57 -0.07 -16.56
CA THR A 356 2.41 1.10 -16.44
C THR A 356 2.69 1.39 -14.97
N PHE A 357 1.68 1.20 -14.12
CA PHE A 357 1.83 1.34 -12.68
C PHE A 357 2.97 0.45 -12.18
N CYS A 358 3.01 -0.80 -12.68
CA CYS A 358 4.06 -1.75 -12.30
C CYS A 358 5.42 -1.33 -12.84
N MET A 359 5.50 -0.93 -14.12
CA MET A 359 6.74 -0.50 -14.73
C MET A 359 7.30 0.72 -14.01
N GLY A 360 6.42 1.66 -13.66
CA GLY A 360 6.82 2.90 -12.99
C GLY A 360 7.23 2.63 -11.54
N GLY A 361 6.43 1.80 -10.85
CA GLY A 361 6.75 1.40 -9.50
C GLY A 361 8.12 0.76 -9.42
N TYR A 362 8.47 -0.02 -10.45
CA TYR A 362 9.77 -0.67 -10.50
C TYR A 362 10.88 0.38 -10.48
N GLU A 363 10.74 1.42 -11.30
CA GLU A 363 11.77 2.45 -11.40
C GLU A 363 11.87 3.25 -10.10
N GLN A 364 10.72 3.52 -9.50
CA GLN A 364 10.64 4.28 -8.26
C GLN A 364 11.35 3.53 -7.13
N PHE A 365 10.97 2.28 -6.90
CA PHE A 365 11.43 1.58 -5.70
C PHE A 365 12.83 1.01 -5.88
N SER A 366 13.23 0.73 -7.14
CA SER A 366 14.56 0.19 -7.39
C SER A 366 15.62 1.29 -7.46
N TYR A 367 15.19 2.56 -7.48
CA TYR A 367 16.10 3.68 -7.64
C TYR A 367 17.23 3.59 -6.60
N ASN A 368 18.49 3.67 -7.06
CA ASN A 368 19.64 3.62 -6.17
C ASN A 368 19.60 2.37 -5.28
N ASN A 369 19.31 1.22 -5.89
N ASN A 369 19.30 1.21 -5.88
CA ASN A 369 19.31 -0.09 -5.24
CA ASN A 369 19.37 -0.08 -5.19
C ASN A 369 18.41 -0.05 -3.99
C ASN A 369 18.38 -0.14 -4.03
N GLY A 370 17.26 0.61 -4.13
CA GLY A 370 16.22 0.54 -3.11
C GLY A 370 16.40 1.55 -1.98
N GLU A 371 17.32 2.50 -2.15
CA GLU A 371 17.68 3.40 -1.07
C GLU A 371 17.13 4.81 -1.28
N GLU A 372 16.01 4.94 -2.00
CA GLU A 372 15.30 6.20 -2.12
C GLU A 372 13.88 6.01 -1.60
N TRP A 373 13.02 5.42 -2.44
CA TRP A 373 11.69 5.02 -2.03
C TRP A 373 11.71 3.60 -1.49
N MET A 374 11.03 3.39 -0.38
CA MET A 374 11.06 2.13 0.33
C MET A 374 9.79 2.01 1.17
N VAL A 375 9.81 1.12 2.17
CA VAL A 375 8.65 0.95 3.03
C VAL A 375 9.05 1.23 4.47
N ALA A 376 8.24 2.05 5.15
CA ALA A 376 8.46 2.36 6.56
C ALA A 376 7.47 1.60 7.42
N GLN A 377 7.92 1.18 8.61
CA GLN A 377 7.05 0.50 9.55
C GLN A 377 7.26 1.08 10.93
N MET A 378 6.16 1.25 11.68
CA MET A 378 6.24 1.79 13.03
C MET A 378 5.28 1.02 13.93
N LEU A 379 5.69 0.87 15.19
CA LEU A 379 4.90 0.26 16.24
C LEU A 379 4.62 1.31 17.31
N PHE A 380 3.34 1.44 17.69
CA PHE A 380 2.94 2.43 18.68
C PHE A 380 2.10 1.80 19.78
N LYS A 381 2.11 2.44 20.95
CA LYS A 381 1.10 2.21 21.97
C LYS A 381 0.25 3.47 22.13
N LYS A 382 -0.86 3.34 22.86
CA LYS A 382 -1.72 4.48 23.13
C LYS A 382 -1.02 5.39 24.15
N LYS A 383 -1.20 6.70 23.99
N LYS A 383 -1.21 6.70 24.03
CA LYS A 383 -0.57 7.68 24.84
CA LYS A 383 -0.48 7.66 24.84
C LYS A 383 -0.93 7.43 26.32
C LYS A 383 -1.04 7.68 26.27
N SAM B . -3.84 -3.82 3.39
CA SAM B . -4.16 -4.39 2.05
C SAM B . -2.95 -5.13 1.49
O SAM B . -1.86 -5.00 2.10
OXT SAM B . -3.11 -5.84 0.46
CB SAM B . -4.63 -3.30 1.07
CG SAM B . -3.58 -2.22 0.82
SD SAM B . -4.24 -1.12 -0.46
CE SAM B . -2.76 -0.30 -0.98
C5' SAM B . -5.03 0.13 0.60
C4' SAM B . -6.48 -0.22 0.89
O4' SAM B . -7.12 0.84 1.66
C3' SAM B . -7.37 -0.42 -0.34
O3' SAM B . -7.95 -1.71 -0.28
C2' SAM B . -8.39 0.71 -0.26
O2' SAM B . -9.64 0.38 -0.81
C1' SAM B . -8.47 0.89 1.26
N9 SAM B . -9.05 2.16 1.68
C8 SAM B . -8.75 3.40 1.19
N7 SAM B . -9.43 4.37 1.76
C5 SAM B . -10.23 3.73 2.70
C6 SAM B . -11.18 4.21 3.62
N6 SAM B . -11.48 5.49 3.76
N1 SAM B . -11.80 3.30 4.41
C2 SAM B . -11.48 2.01 4.27
N3 SAM B . -10.60 1.44 3.43
C4 SAM B . -10.00 2.36 2.66
C1 4NQ C . 2.02 3.20 -5.32
C2 4NQ C . 3.28 2.73 -5.63
C3 4NQ C . 3.59 1.39 -5.31
C4 4NQ C . 2.65 0.56 -4.68
C5 4NQ C . 0.42 -1.38 -4.11
C6 4NQ C . -0.44 -1.79 -5.31
C7 4NQ C . -1.88 -1.22 -5.28
C8 4NQ C . -1.86 0.30 -5.06
C9 4NQ C . -1.10 2.14 -3.36
C10 4NQ C . -0.30 2.98 -4.38
C11 4NQ C . 1.05 2.38 -4.68
C12 4NQ C . 1.37 1.04 -4.36
C13 4NQ C . 0.36 0.11 -3.66
C14 4NQ C . -1.10 0.66 -3.76
C15 4NQ C . 0.69 0.15 -2.15
C16 4NQ C . 0.52 1.53 -1.49
C17 4NQ C . -0.59 3.66 -1.51
C18 4NQ C . 4.98 0.15 -6.79
O1 4NQ C . 4.83 0.98 -5.65
N1 4NQ C . -0.68 2.28 -1.94
S SO4 D . 6.20 11.82 -8.59
O1 SO4 D . 7.00 11.14 -7.62
O2 SO4 D . 6.77 13.11 -8.85
O3 SO4 D . 6.18 11.05 -9.80
O4 SO4 D . 4.86 11.96 -8.10
#